data_2WAA
#
_entry.id   2WAA
#
_cell.length_a   132.163
_cell.length_b   132.163
_cell.length_c   45.790
_cell.angle_alpha   90.00
_cell.angle_beta   90.00
_cell.angle_gamma   90.00
#
_symmetry.space_group_name_H-M   'P 41 21 2'
#
loop_
_entity.id
_entity.type
_entity.pdbx_description
1 polymer 'XYLAN ESTERASE, PUTATIVE, AXE2C'
2 non-polymer 'ACETATE ION'
3 non-polymer GLYCEROL
4 water water
#
_entity_poly.entity_id   1
_entity_poly.type   'polypeptide(L)'
_entity_poly.pdbx_seq_one_letter_code
;MNTQSLMSSTHTIAASDPHIQVMGRTHINDDASLTFGYPGVSLSTIVAGSRLTAEMQSSNGNSWIDVIIDNHPPTSIKLD
AQQQTVELFHFPNSGEHRVEIIHRSENWHGQVTLKQLTLTGTQFLPAPVLPQRKILVLGDSVTCGEAIDRVAGEDKNTRW
WNARESYGMLTAKALDAQVQLVCWGGRGLIRSWNGKTDDANLPDFYQFTLGDTGQAPQWDHHRYQPDLIISAIGTNDFSP
GIPDRATYINTYTRFVRTLLDNHPQATIVLTEGAILNGDKKAALVSYIGETRQQLHSNRVFYASSSHHPGDNSDAHPTKD
QHAAMARELTPQLRQIMDWLEHHHHHH
;
_entity_poly.pdbx_strand_id   A
#
# COMPACT_ATOMS: atom_id res chain seq x y z
N MET A 7 7.80 -41.36 -2.63
CA MET A 7 8.95 -40.54 -3.12
C MET A 7 8.87 -39.10 -2.55
N SER A 8 9.99 -38.51 -2.16
CA SER A 8 10.05 -37.04 -1.96
C SER A 8 10.25 -36.29 -3.29
N SER A 9 9.46 -35.23 -3.53
CA SER A 9 9.55 -34.41 -4.76
C SER A 9 9.48 -32.92 -4.39
N THR A 10 10.02 -32.07 -5.27
CA THR A 10 9.83 -30.61 -5.12
C THR A 10 9.12 -30.06 -6.35
N HIS A 11 8.51 -28.90 -6.17
CA HIS A 11 7.70 -28.30 -7.18
C HIS A 11 8.02 -26.83 -7.16
N THR A 12 8.58 -26.32 -8.26
CA THR A 12 9.01 -24.91 -8.29
C THR A 12 8.20 -24.17 -9.33
N ILE A 13 7.64 -23.01 -8.94
CA ILE A 13 6.90 -22.17 -9.87
C ILE A 13 7.46 -20.76 -9.84
N ALA A 14 7.26 -20.05 -10.96
CA ALA A 14 7.65 -18.63 -11.02
C ALA A 14 6.71 -17.77 -10.14
N ALA A 15 7.20 -16.60 -9.75
CA ALA A 15 6.41 -15.69 -8.95
C ALA A 15 5.11 -15.28 -9.69
N SER A 16 5.26 -15.11 -11.00
N SER A 16 5.14 -15.19 -11.03
CA SER A 16 4.13 -14.92 -11.87
CA SER A 16 3.93 -14.77 -11.83
C SER A 16 3.75 -16.34 -12.28
C SER A 16 2.86 -15.85 -12.10
N ASP A 17 2.97 -16.97 -11.43
CA ASP A 17 2.28 -18.19 -11.79
C ASP A 17 0.88 -18.08 -11.20
N PRO A 18 -0.11 -18.70 -11.84
CA PRO A 18 -1.48 -18.51 -11.39
C PRO A 18 -1.76 -19.03 -10.00
N HIS A 19 -0.89 -19.87 -9.45
CA HIS A 19 -1.08 -20.35 -8.09
C HIS A 19 -0.74 -19.30 -7.06
N ILE A 20 -0.02 -18.26 -7.47
CA ILE A 20 0.35 -17.21 -6.52
C ILE A 20 -0.59 -16.00 -6.70
N GLN A 21 -1.40 -15.76 -5.67
CA GLN A 21 -2.31 -14.62 -5.62
C GLN A 21 -1.52 -13.34 -5.36
N VAL A 22 -1.94 -12.23 -5.98
CA VAL A 22 -1.18 -11.00 -5.84
C VAL A 22 -2.18 -9.89 -5.63
N MET A 23 -1.94 -9.12 -4.58
CA MET A 23 -2.77 -7.93 -4.34
C MET A 23 -1.80 -6.77 -4.22
N GLY A 24 -1.94 -5.73 -5.04
CA GLY A 24 -0.96 -4.60 -5.01
C GLY A 24 -0.22 -4.55 -6.34
N ARG A 25 0.38 -3.43 -6.65
CA ARG A 25 1.09 -3.30 -7.92
C ARG A 25 2.39 -4.08 -8.03
N THR A 26 2.50 -4.89 -9.10
CA THR A 26 3.73 -5.62 -9.38
C THR A 26 4.11 -5.44 -10.87
N HIS A 27 5.42 -5.52 -11.15
CA HIS A 27 5.91 -5.50 -12.52
C HIS A 27 6.33 -6.95 -12.87
N ILE A 28 5.82 -7.48 -13.99
CA ILE A 28 6.12 -8.84 -14.37
C ILE A 28 7.34 -8.81 -15.28
N ASN A 29 8.46 -9.38 -14.79
CA ASN A 29 9.69 -9.39 -15.60
C ASN A 29 9.72 -10.48 -16.65
N ASP A 30 10.68 -10.41 -17.57
CA ASP A 30 10.71 -11.39 -18.67
C ASP A 30 10.99 -12.81 -18.15
N ASP A 31 11.65 -12.92 -17.02
CA ASP A 31 11.94 -14.27 -16.45
C ASP A 31 10.82 -14.75 -15.53
N ALA A 32 9.68 -14.06 -15.60
CA ALA A 32 8.46 -14.40 -14.81
C ALA A 32 8.59 -14.14 -13.31
N SER A 33 9.64 -13.40 -12.90
CA SER A 33 9.68 -12.89 -11.52
C SER A 33 8.75 -11.67 -11.42
N LEU A 34 8.41 -11.28 -10.19
CA LEU A 34 7.64 -10.05 -9.91
C LEU A 34 8.50 -9.11 -9.12
N THR A 35 8.41 -7.84 -9.49
CA THR A 35 9.09 -6.79 -8.74
C THR A 35 8.07 -5.78 -8.26
N PHE A 36 8.26 -5.29 -7.05
CA PHE A 36 7.34 -4.35 -6.47
C PHE A 36 8.01 -3.37 -5.53
N GLY A 37 7.38 -2.19 -5.41
CA GLY A 37 7.95 -1.11 -4.63
C GLY A 37 6.95 -0.49 -3.64
N TYR A 38 5.66 -0.49 -3.96
CA TYR A 38 4.68 0.12 -3.05
C TYR A 38 4.49 -0.74 -1.81
N PRO A 39 4.18 -0.13 -0.65
CA PRO A 39 3.99 -0.97 0.55
C PRO A 39 2.63 -1.69 0.48
N GLY A 40 2.50 -2.81 1.18
CA GLY A 40 1.22 -3.54 1.26
C GLY A 40 1.01 -4.58 0.15
N VAL A 41 1.91 -4.60 -0.84
CA VAL A 41 1.84 -5.61 -1.90
C VAL A 41 1.92 -6.97 -1.19
N SER A 42 0.94 -7.82 -1.49
CA SER A 42 0.76 -9.05 -0.75
CA SER A 42 0.77 -9.06 -0.77
C SER A 42 0.69 -10.22 -1.75
N LEU A 43 1.54 -11.23 -1.53
CA LEU A 43 1.60 -12.40 -2.41
CA LEU A 43 1.65 -12.40 -2.40
C LEU A 43 1.30 -13.60 -1.54
N SER A 44 0.40 -14.47 -2.02
CA SER A 44 -0.07 -15.53 -1.14
C SER A 44 -0.27 -16.82 -1.91
N THR A 45 -0.19 -17.93 -1.18
CA THR A 45 -0.32 -19.24 -1.84
C THR A 45 -0.81 -20.19 -0.74
N ILE A 46 -1.49 -21.25 -1.17
CA ILE A 46 -1.89 -22.32 -0.23
C ILE A 46 -1.25 -23.58 -0.81
N VAL A 47 -0.58 -24.37 0.01
CA VAL A 47 0.18 -25.51 -0.51
C VAL A 47 -0.05 -26.77 0.31
N ALA A 48 0.27 -27.91 -0.27
CA ALA A 48 0.27 -29.19 0.52
C ALA A 48 1.72 -29.65 0.52
N GLY A 49 2.39 -29.58 1.66
CA GLY A 49 3.79 -29.95 1.76
C GLY A 49 4.43 -29.63 3.08
N SER A 50 5.74 -29.88 3.18
CA SER A 50 6.49 -29.78 4.42
C SER A 50 7.46 -28.59 4.45
N ARG A 51 7.81 -28.02 3.30
CA ARG A 51 8.75 -26.90 3.28
C ARG A 51 8.46 -26.04 2.06
N LEU A 52 8.59 -24.73 2.26
CA LEU A 52 8.41 -23.78 1.14
C LEU A 52 9.48 -22.70 1.26
N THR A 53 10.21 -22.46 0.15
CA THR A 53 11.24 -21.44 0.12
C THR A 53 10.96 -20.50 -1.05
N ALA A 54 11.50 -19.29 -0.96
CA ALA A 54 11.39 -18.32 -2.05
C ALA A 54 12.75 -17.73 -2.37
N GLU A 55 13.00 -17.46 -3.64
CA GLU A 55 14.21 -16.74 -4.04
C GLU A 55 13.84 -15.24 -4.10
N MET A 56 14.47 -14.43 -3.26
CA MET A 56 14.13 -13.02 -3.20
C MET A 56 15.37 -12.16 -3.18
N GLN A 57 15.18 -10.86 -3.44
CA GLN A 57 16.29 -9.90 -3.43
CA GLN A 57 16.24 -9.90 -3.19
C GLN A 57 15.64 -8.52 -3.31
N SER A 58 16.37 -7.52 -2.79
CA SER A 58 15.87 -6.14 -2.84
C SER A 58 16.94 -5.28 -3.54
N SER A 59 16.58 -4.12 -4.06
CA SER A 59 17.53 -3.39 -4.87
C SER A 59 18.65 -2.78 -4.08
N ASN A 60 18.38 -2.39 -2.83
CA ASN A 60 19.38 -1.71 -2.00
C ASN A 60 19.67 -2.39 -0.68
N GLY A 61 19.11 -3.58 -0.46
CA GLY A 61 19.34 -4.31 0.76
C GLY A 61 18.74 -3.60 1.96
N ASN A 62 17.71 -2.77 1.70
CA ASN A 62 17.13 -1.95 2.75
C ASN A 62 15.60 -2.13 2.82
N SER A 63 15.12 -3.26 2.30
CA SER A 63 13.66 -3.52 2.18
C SER A 63 13.18 -4.63 3.15
N TRP A 64 11.99 -4.47 3.72
CA TRP A 64 11.48 -5.44 4.67
C TRP A 64 10.20 -6.07 4.16
N ILE A 65 10.02 -7.33 4.52
CA ILE A 65 8.77 -8.02 4.28
C ILE A 65 8.30 -8.68 5.59
N ASP A 66 6.98 -8.93 5.66
CA ASP A 66 6.41 -9.84 6.67
C ASP A 66 6.07 -11.17 5.99
N VAL A 67 6.29 -12.26 6.72
CA VAL A 67 5.93 -13.58 6.21
C VAL A 67 4.96 -14.13 7.26
N ILE A 68 3.79 -14.53 6.82
CA ILE A 68 2.77 -15.05 7.75
C ILE A 68 2.35 -16.45 7.31
N ILE A 69 2.57 -17.41 8.20
CA ILE A 69 2.28 -18.83 7.92
C ILE A 69 1.04 -19.20 8.71
N ASP A 70 -0.03 -19.64 8.04
CA ASP A 70 -1.28 -19.96 8.69
C ASP A 70 -1.70 -18.79 9.57
N ASN A 71 -2.05 -19.05 10.82
CA ASN A 71 -2.42 -17.99 11.75
CA ASN A 71 -2.37 -17.90 11.68
C ASN A 71 -1.30 -17.56 12.71
N HIS A 72 -0.06 -17.94 12.42
CA HIS A 72 1.02 -17.67 13.35
C HIS A 72 1.42 -16.20 13.36
N PRO A 73 2.14 -15.77 14.39
CA PRO A 73 2.66 -14.41 14.45
C PRO A 73 3.55 -14.17 13.24
N PRO A 74 3.49 -12.99 12.65
CA PRO A 74 4.33 -12.70 11.47
C PRO A 74 5.80 -12.66 11.82
N THR A 75 6.64 -12.90 10.82
CA THR A 75 8.08 -12.79 10.99
C THR A 75 8.47 -11.66 10.04
N SER A 76 9.17 -10.65 10.53
CA SER A 76 9.68 -9.59 9.64
CA SER A 76 9.66 -9.62 9.60
C SER A 76 11.13 -9.87 9.26
N ILE A 77 11.44 -9.74 7.98
CA ILE A 77 12.77 -10.08 7.45
C ILE A 77 13.29 -8.96 6.56
N LYS A 78 14.55 -8.59 6.70
CA LYS A 78 15.14 -7.57 5.85
C LYS A 78 15.85 -8.28 4.70
N LEU A 79 15.57 -7.91 3.46
CA LEU A 79 16.11 -8.66 2.33
C LEU A 79 17.44 -8.07 1.83
N ASP A 80 18.44 -8.92 1.69
CA ASP A 80 19.74 -8.51 1.14
C ASP A 80 19.63 -8.11 -0.33
N ALA A 81 20.57 -7.28 -0.78
CA ALA A 81 20.62 -6.91 -2.18
C ALA A 81 20.98 -8.10 -3.09
N GLN A 82 21.62 -9.13 -2.56
CA GLN A 82 21.94 -10.32 -3.38
C GLN A 82 20.75 -11.27 -3.31
N GLN A 83 20.52 -12.05 -4.36
CA GLN A 83 19.51 -13.10 -4.32
C GLN A 83 19.79 -14.02 -3.12
N GLN A 84 18.73 -14.41 -2.41
CA GLN A 84 18.85 -15.29 -1.24
C GLN A 84 17.65 -16.23 -1.20
N THR A 85 17.88 -17.47 -0.81
CA THR A 85 16.79 -18.37 -0.52
C THR A 85 16.20 -18.02 0.85
N VAL A 86 14.91 -17.67 0.85
CA VAL A 86 14.20 -17.34 2.07
C VAL A 86 13.28 -18.49 2.44
N GLU A 87 13.50 -19.07 3.60
CA GLU A 87 12.62 -20.15 4.06
C GLU A 87 11.33 -19.55 4.59
N LEU A 88 10.20 -19.97 4.03
CA LEU A 88 8.92 -19.44 4.45
C LEU A 88 8.35 -20.32 5.55
N PHE A 89 8.39 -21.63 5.36
CA PHE A 89 8.05 -22.54 6.47
C PHE A 89 8.76 -23.87 6.29
N HIS A 90 8.85 -24.63 7.37
CA HIS A 90 9.39 -25.94 7.32
C HIS A 90 8.85 -26.71 8.54
N PHE A 91 8.23 -27.86 8.27
CA PHE A 91 7.76 -28.78 9.31
C PHE A 91 8.33 -30.16 8.97
N PRO A 92 8.42 -31.05 9.96
CA PRO A 92 8.87 -32.41 9.62
C PRO A 92 7.91 -33.18 8.73
N ASN A 93 6.62 -32.90 8.79
CA ASN A 93 5.65 -33.59 7.97
C ASN A 93 4.90 -32.65 7.04
N SER A 94 4.25 -33.20 6.03
CA SER A 94 3.48 -32.45 5.06
CA SER A 94 3.47 -32.43 5.06
C SER A 94 2.09 -32.13 5.63
N GLY A 95 1.58 -30.94 5.33
CA GLY A 95 0.19 -30.58 5.67
C GLY A 95 -0.22 -29.42 4.77
N GLU A 96 -1.47 -28.99 4.88
CA GLU A 96 -1.93 -27.89 4.06
C GLU A 96 -1.56 -26.59 4.83
N HIS A 97 -0.94 -25.62 4.16
CA HIS A 97 -0.48 -24.39 4.85
C HIS A 97 -0.76 -23.18 3.96
N ARG A 98 -1.16 -22.09 4.61
CA ARG A 98 -1.42 -20.85 3.91
CA ARG A 98 -1.42 -20.85 3.92
C ARG A 98 -0.20 -19.97 4.14
N VAL A 99 0.28 -19.29 3.09
CA VAL A 99 1.51 -18.50 3.20
C VAL A 99 1.28 -17.13 2.58
N GLU A 100 1.62 -16.07 3.31
CA GLU A 100 1.46 -14.71 2.79
C GLU A 100 2.78 -13.95 2.98
N ILE A 101 3.20 -13.22 1.93
CA ILE A 101 4.36 -12.33 2.03
C ILE A 101 3.80 -10.92 1.82
N ILE A 102 4.13 -10.01 2.74
CA ILE A 102 3.61 -8.65 2.64
C ILE A 102 4.77 -7.70 2.57
N HIS A 103 4.79 -6.83 1.54
CA HIS A 103 5.86 -5.83 1.48
C HIS A 103 5.62 -4.75 2.57
N ARG A 104 6.58 -4.57 3.47
CA ARG A 104 6.45 -3.52 4.51
C ARG A 104 7.04 -2.21 4.01
N SER A 105 8.07 -2.30 3.18
CA SER A 105 8.79 -1.11 2.69
C SER A 105 8.04 -0.32 1.64
N GLU A 106 8.51 0.90 1.36
CA GLU A 106 7.97 1.66 0.22
C GLU A 106 9.09 1.91 -0.80
N ASN A 107 8.75 2.51 -1.93
CA ASN A 107 9.70 2.64 -3.05
C ASN A 107 11.07 3.23 -2.76
N TRP A 108 11.16 4.28 -1.94
CA TRP A 108 12.49 4.86 -1.73
C TRP A 108 13.40 3.89 -0.97
N HIS A 109 12.83 2.96 -0.21
CA HIS A 109 13.66 1.96 0.44
C HIS A 109 14.31 1.08 -0.61
N GLY A 110 13.59 0.81 -1.69
CA GLY A 110 14.07 -0.02 -2.78
C GLY A 110 12.89 -0.76 -3.39
N GLN A 111 13.21 -1.65 -4.31
CA GLN A 111 12.17 -2.53 -4.85
CA GLN A 111 12.23 -2.53 -4.98
C GLN A 111 12.59 -3.95 -4.54
N VAL A 112 11.58 -4.79 -4.30
CA VAL A 112 11.84 -6.19 -3.94
C VAL A 112 11.44 -7.06 -5.10
N THR A 113 12.17 -8.16 -5.35
CA THR A 113 11.81 -9.08 -6.42
C THR A 113 11.62 -10.46 -5.79
N LEU A 114 10.51 -11.13 -6.14
CA LEU A 114 10.32 -12.51 -5.80
C LEU A 114 10.50 -13.22 -7.12
N LYS A 115 11.44 -14.17 -7.19
CA LYS A 115 11.71 -14.85 -8.49
C LYS A 115 10.92 -16.16 -8.67
N GLN A 116 10.94 -16.99 -7.63
CA GLN A 116 10.30 -18.33 -7.76
C GLN A 116 10.16 -18.93 -6.37
N LEU A 117 9.27 -19.90 -6.23
CA LEU A 117 9.02 -20.59 -4.95
CA LEU A 117 9.10 -20.59 -4.94
C LEU A 117 9.25 -22.07 -5.19
N THR A 118 9.86 -22.75 -4.21
CA THR A 118 10.06 -24.19 -4.28
C THR A 118 9.33 -24.86 -3.09
N LEU A 119 8.38 -25.73 -3.40
CA LEU A 119 7.61 -26.48 -2.40
C LEU A 119 8.18 -27.88 -2.35
N THR A 120 8.47 -28.34 -1.14
CA THR A 120 8.82 -29.73 -0.92
C THR A 120 7.50 -30.36 -0.47
N GLY A 121 6.98 -31.31 -1.23
CA GLY A 121 5.63 -31.79 -0.88
C GLY A 121 4.92 -32.29 -2.08
N THR A 122 3.62 -32.05 -2.14
N THR A 122 3.61 -32.06 -2.20
CA THR A 122 2.86 -32.63 -3.23
CA THR A 122 2.92 -32.65 -3.35
C THR A 122 2.46 -31.61 -4.29
C THR A 122 2.26 -31.69 -4.34
N GLN A 123 1.82 -30.52 -3.88
CA GLN A 123 1.33 -29.56 -4.86
C GLN A 123 0.98 -28.17 -4.30
N PHE A 124 1.04 -27.19 -5.17
CA PHE A 124 0.43 -25.91 -4.86
C PHE A 124 -1.08 -26.09 -5.09
N LEU A 125 -1.89 -25.68 -4.13
CA LEU A 125 -3.34 -25.67 -4.30
C LEU A 125 -3.80 -24.39 -5.02
N PRO A 126 -5.11 -24.26 -5.39
CA PRO A 126 -5.62 -23.09 -6.09
C PRO A 126 -5.31 -21.84 -5.26
N ALA A 127 -5.03 -20.76 -5.99
CA ALA A 127 -4.75 -19.48 -5.35
C ALA A 127 -5.77 -19.04 -4.31
N PRO A 128 -5.31 -18.40 -3.24
CA PRO A 128 -6.26 -17.85 -2.29
C PRO A 128 -7.21 -16.92 -3.05
N VAL A 129 -8.46 -16.87 -2.63
CA VAL A 129 -9.45 -16.05 -3.28
C VAL A 129 -9.49 -14.70 -2.55
N LEU A 130 -9.41 -13.62 -3.31
CA LEU A 130 -9.48 -12.29 -2.72
C LEU A 130 -10.92 -11.78 -2.65
N PRO A 131 -11.18 -10.79 -1.74
CA PRO A 131 -12.53 -10.16 -1.70
C PRO A 131 -12.96 -9.54 -3.02
N GLN A 132 -14.27 -9.42 -3.24
CA GLN A 132 -14.72 -8.74 -4.44
C GLN A 132 -14.49 -7.21 -4.39
N ARG A 133 -14.74 -6.60 -3.23
CA ARG A 133 -14.61 -5.16 -3.09
C ARG A 133 -13.14 -4.75 -3.21
N LYS A 134 -12.87 -3.62 -3.86
CA LYS A 134 -11.50 -3.17 -4.14
C LYS A 134 -11.38 -1.69 -3.74
N ILE A 135 -10.35 -1.37 -2.95
CA ILE A 135 -10.07 0.00 -2.58
C ILE A 135 -8.64 0.34 -3.08
N LEU A 136 -8.47 1.59 -3.46
CA LEU A 136 -7.18 2.19 -3.80
C LEU A 136 -7.01 3.37 -2.82
N VAL A 137 -5.89 3.43 -2.10
CA VAL A 137 -5.61 4.56 -1.20
C VAL A 137 -4.39 5.30 -1.76
N LEU A 138 -4.54 6.59 -1.97
CA LEU A 138 -3.46 7.44 -2.56
C LEU A 138 -2.97 8.39 -1.46
N GLY A 139 -1.66 8.55 -1.32
CA GLY A 139 -1.23 9.47 -0.28
C GLY A 139 0.28 9.56 -0.11
N ASP A 140 0.65 9.94 1.10
CA ASP A 140 2.04 10.15 1.44
C ASP A 140 2.49 9.12 2.49
N SER A 141 3.49 9.45 3.33
CA SER A 141 4.07 8.41 4.19
C SER A 141 3.10 7.83 5.22
N VAL A 142 2.07 8.59 5.62
CA VAL A 142 1.09 8.04 6.57
C VAL A 142 0.37 6.83 5.89
N THR A 143 -0.04 7.01 4.64
CA THR A 143 -0.66 5.92 3.88
C THR A 143 0.36 4.78 3.70
N CYS A 144 1.65 5.14 3.58
CA CYS A 144 2.69 4.14 3.39
C CYS A 144 3.06 3.41 4.70
N GLY A 145 2.54 3.83 5.84
CA GLY A 145 2.77 3.13 7.12
C GLY A 145 4.07 3.51 7.79
N GLU A 146 4.64 4.65 7.43
CA GLU A 146 5.90 5.06 8.06
C GLU A 146 5.82 5.19 9.61
N ALA A 147 6.80 4.58 10.29
CA ALA A 147 7.01 4.76 11.76
C ALA A 147 5.96 4.08 12.63
N ILE A 148 5.14 3.22 12.03
CA ILE A 148 4.20 2.45 12.86
C ILE A 148 4.95 1.56 13.85
N ASP A 149 6.07 0.97 13.43
CA ASP A 149 6.78 0.02 14.30
C ASP A 149 7.99 0.64 14.99
N ARG A 150 7.90 1.91 15.32
CA ARG A 150 8.99 2.62 15.97
C ARG A 150 9.18 1.97 17.33
N VAL A 151 10.37 2.09 17.87
CA VAL A 151 10.58 1.63 19.26
C VAL A 151 11.39 2.72 19.93
N ALA A 152 11.00 3.08 21.15
CA ALA A 152 11.69 4.17 21.84
C ALA A 152 13.19 3.86 22.00
N GLY A 153 14.05 4.82 21.69
CA GLY A 153 15.50 4.56 21.78
C GLY A 153 16.20 4.29 20.46
N GLU A 154 15.48 3.77 19.47
CA GLU A 154 16.07 3.47 18.18
C GLU A 154 16.16 4.71 17.25
N ASP A 155 17.16 4.74 16.39
CA ASP A 155 17.20 5.68 15.26
C ASP A 155 16.21 5.13 14.24
N LYS A 156 15.35 5.99 13.72
CA LYS A 156 14.43 5.57 12.66
C LYS A 156 15.20 4.80 11.60
N ASN A 157 14.63 3.70 11.13
CA ASN A 157 15.21 2.97 10.03
C ASN A 157 14.07 2.25 9.29
N THR A 158 14.36 1.56 8.19
CA THR A 158 13.27 1.09 7.34
C THR A 158 12.43 -0.02 8.00
N ARG A 159 12.92 -0.59 9.11
CA ARG A 159 12.12 -1.52 9.90
C ARG A 159 10.89 -0.88 10.55
N TRP A 160 10.93 0.43 10.72
CA TRP A 160 9.81 1.12 11.33
C TRP A 160 8.54 1.12 10.50
N TRP A 161 8.62 0.80 9.21
CA TRP A 161 7.42 0.78 8.37
C TRP A 161 6.58 -0.49 8.58
N ASN A 162 5.26 -0.34 8.66
CA ASN A 162 4.38 -1.50 8.79
C ASN A 162 3.13 -1.30 7.96
N ALA A 163 2.97 -2.07 6.90
CA ALA A 163 1.82 -1.86 5.99
C ALA A 163 0.54 -2.48 6.56
N ARG A 164 0.65 -3.69 7.11
CA ARG A 164 -0.52 -4.46 7.58
C ARG A 164 -1.32 -3.70 8.64
N GLU A 165 -0.60 -2.93 9.48
CA GLU A 165 -1.21 -2.19 10.57
C GLU A 165 -1.42 -0.73 10.28
N SER A 166 -1.23 -0.35 9.02
CA SER A 166 -1.54 1.02 8.60
C SER A 166 -3.06 1.22 8.44
N TYR A 167 -3.53 2.49 8.56
CA TYR A 167 -4.95 2.71 8.54
C TYR A 167 -5.59 2.21 7.25
N GLY A 168 -4.87 2.31 6.13
CA GLY A 168 -5.42 1.91 4.81
C GLY A 168 -5.70 0.40 4.78
N MET A 169 -4.76 -0.38 5.29
CA MET A 169 -4.96 -1.84 5.33
C MET A 169 -5.98 -2.27 6.40
N LEU A 170 -5.99 -1.59 7.54
CA LEU A 170 -7.00 -1.91 8.59
C LEU A 170 -8.39 -1.57 8.11
N THR A 171 -8.55 -0.44 7.40
CA THR A 171 -9.83 -0.01 6.86
C THR A 171 -10.34 -1.02 5.81
N ALA A 172 -9.46 -1.42 4.88
CA ALA A 172 -9.79 -2.42 3.84
C ALA A 172 -10.23 -3.74 4.48
N LYS A 173 -9.49 -4.18 5.49
CA LYS A 173 -9.85 -5.42 6.22
C LYS A 173 -11.24 -5.30 6.87
N ALA A 174 -11.47 -4.21 7.61
CA ALA A 174 -12.83 -3.97 8.15
C ALA A 174 -13.94 -3.97 7.06
N LEU A 175 -13.64 -3.48 5.85
CA LEU A 175 -14.62 -3.40 4.80
C LEU A 175 -14.65 -4.65 3.89
N ASP A 176 -13.92 -5.68 4.29
CA ASP A 176 -13.81 -6.95 3.49
C ASP A 176 -13.45 -6.63 2.05
N ALA A 177 -12.35 -5.89 1.89
CA ALA A 177 -11.96 -5.38 0.59
C ALA A 177 -10.49 -5.63 0.32
N GLN A 178 -10.18 -5.74 -0.97
CA GLN A 178 -8.78 -5.65 -1.38
C GLN A 178 -8.29 -4.23 -1.20
N VAL A 179 -6.98 -4.03 -1.14
CA VAL A 179 -6.48 -2.67 -1.15
C VAL A 179 -5.18 -2.59 -1.93
N GLN A 180 -5.01 -1.53 -2.70
CA GLN A 180 -3.65 -1.12 -3.13
C GLN A 180 -3.31 0.19 -2.46
N LEU A 181 -2.08 0.30 -1.98
CA LEU A 181 -1.55 1.56 -1.45
C LEU A 181 -0.64 2.17 -2.54
N VAL A 182 -0.92 3.42 -2.94
CA VAL A 182 -0.10 4.08 -3.98
C VAL A 182 0.27 5.40 -3.32
N CYS A 183 1.44 5.43 -2.71
CA CYS A 183 1.81 6.50 -1.79
C CYS A 183 3.33 6.63 -1.86
N TRP A 184 3.83 7.80 -1.47
CA TRP A 184 5.29 8.02 -1.48
C TRP A 184 5.61 9.02 -0.38
N GLY A 185 6.44 8.61 0.57
CA GLY A 185 6.78 9.55 1.65
C GLY A 185 7.39 10.86 1.16
N GLY A 186 7.02 11.94 1.84
CA GLY A 186 7.57 13.26 1.54
C GLY A 186 6.96 13.96 0.33
N ARG A 187 6.13 13.25 -0.45
CA ARG A 187 5.54 13.77 -1.67
C ARG A 187 4.16 14.41 -1.48
N GLY A 188 3.81 15.34 -2.38
CA GLY A 188 2.52 16.03 -2.33
C GLY A 188 1.80 15.96 -3.65
N LEU A 189 0.67 16.67 -3.70
CA LEU A 189 -0.08 16.82 -4.92
C LEU A 189 0.69 17.72 -5.91
N ILE A 190 1.31 18.77 -5.37
CA ILE A 190 2.08 19.73 -6.18
C ILE A 190 3.53 19.95 -5.80
N ARG A 191 3.92 19.63 -4.56
CA ARG A 191 5.32 19.79 -4.15
C ARG A 191 5.65 18.89 -2.99
N SER A 192 6.94 18.60 -2.84
CA SER A 192 7.42 17.83 -1.73
C SER A 192 7.58 18.67 -0.45
N TRP A 193 7.79 18.01 0.69
CA TRP A 193 7.86 18.68 1.99
C TRP A 193 8.91 19.80 2.01
N ASN A 194 9.95 19.62 1.21
CA ASN A 194 11.10 20.53 1.18
C ASN A 194 10.90 21.66 0.18
N GLY A 195 9.72 21.74 -0.43
CA GLY A 195 9.36 22.82 -1.31
C GLY A 195 9.59 22.53 -2.79
N LYS A 196 10.35 21.45 -3.07
CA LYS A 196 10.68 21.08 -4.45
C LYS A 196 9.42 20.78 -5.23
N THR A 197 9.31 21.29 -6.45
CA THR A 197 8.11 21.12 -7.26
C THR A 197 8.33 20.16 -8.42
N ASP A 198 9.57 19.71 -8.61
CA ASP A 198 9.85 18.92 -9.78
C ASP A 198 10.19 17.45 -9.46
N ASP A 199 9.83 16.97 -8.27
CA ASP A 199 9.83 15.52 -8.03
C ASP A 199 8.58 14.94 -8.67
N ALA A 200 8.49 13.61 -8.74
CA ALA A 200 7.23 12.97 -9.13
C ALA A 200 6.20 13.24 -8.00
N ASN A 201 5.23 14.06 -8.33
CA ASN A 201 4.14 14.35 -7.40
C ASN A 201 3.10 13.23 -7.48
N LEU A 202 2.07 13.26 -6.63
CA LEU A 202 1.06 12.18 -6.63
C LEU A 202 0.50 11.93 -8.06
N PRO A 203 0.16 12.99 -8.82
CA PRO A 203 -0.40 12.67 -10.14
C PRO A 203 0.58 11.96 -11.08
N ASP A 204 1.88 12.09 -10.81
CA ASP A 204 2.95 11.42 -11.54
C ASP A 204 3.14 9.98 -11.09
N PHE A 205 3.40 9.77 -9.80
CA PHE A 205 3.67 8.38 -9.38
C PHE A 205 2.44 7.51 -9.36
N TYR A 206 1.26 8.11 -9.33
CA TYR A 206 0.03 7.35 -9.47
C TYR A 206 0.03 6.55 -10.79
N GLN A 207 0.83 7.01 -11.77
CA GLN A 207 0.90 6.32 -13.05
C GLN A 207 1.90 5.17 -13.09
N PHE A 208 2.71 5.00 -12.05
CA PHE A 208 3.85 4.09 -12.13
C PHE A 208 3.58 2.80 -11.44
N THR A 209 4.04 1.69 -12.00
CA THR A 209 3.88 0.45 -11.27
C THR A 209 4.77 0.42 -10.03
N LEU A 210 5.98 0.95 -10.20
CA LEU A 210 6.92 1.12 -9.07
C LEU A 210 7.97 2.11 -9.54
N GLY A 211 8.76 2.67 -8.62
CA GLY A 211 9.84 3.57 -9.00
C GLY A 211 9.34 4.94 -9.40
N ASP A 212 10.23 5.90 -9.65
CA ASP A 212 9.69 7.13 -10.19
C ASP A 212 10.58 7.85 -11.20
N THR A 213 11.51 7.11 -11.80
CA THR A 213 12.41 7.76 -12.80
C THR A 213 11.75 7.87 -14.18
N GLY A 214 12.53 8.33 -15.14
CA GLY A 214 12.03 8.40 -16.50
C GLY A 214 11.77 6.99 -17.00
N GLN A 215 12.39 6.00 -16.36
CA GLN A 215 12.21 4.62 -16.80
C GLN A 215 11.27 3.79 -15.90
N ALA A 216 10.51 4.44 -15.01
CA ALA A 216 9.52 3.68 -14.23
C ALA A 216 8.45 3.12 -15.18
N PRO A 217 8.12 1.84 -15.03
CA PRO A 217 7.04 1.21 -15.79
C PRO A 217 5.67 1.83 -15.53
N GLN A 218 4.90 2.03 -16.61
CA GLN A 218 3.51 2.48 -16.57
C GLN A 218 2.61 1.39 -16.05
N TRP A 219 1.84 1.76 -15.05
CA TRP A 219 0.80 0.88 -14.51
C TRP A 219 -0.44 0.91 -15.40
N ASP A 220 -0.81 -0.26 -15.91
CA ASP A 220 -2.05 -0.38 -16.67
C ASP A 220 -3.25 -0.49 -15.71
N HIS A 221 -4.15 0.52 -15.74
CA HIS A 221 -5.26 0.55 -14.77
C HIS A 221 -6.28 -0.55 -14.92
N HIS A 222 -6.28 -1.20 -16.07
CA HIS A 222 -7.17 -2.31 -16.29
C HIS A 222 -6.82 -3.43 -15.32
N ARG A 223 -5.60 -3.38 -14.78
CA ARG A 223 -5.14 -4.44 -13.87
C ARG A 223 -5.71 -4.28 -12.46
N TYR A 224 -6.24 -3.11 -12.12
CA TYR A 224 -6.93 -2.96 -10.82
C TYR A 224 -7.96 -1.84 -10.92
N GLN A 225 -9.23 -2.19 -10.98
CA GLN A 225 -10.29 -1.17 -11.11
C GLN A 225 -11.01 -1.12 -9.76
N PRO A 226 -10.69 -0.10 -8.95
CA PRO A 226 -11.25 -0.03 -7.61
C PRO A 226 -12.69 0.47 -7.58
N ASP A 227 -13.43 -0.01 -6.59
CA ASP A 227 -14.78 0.46 -6.30
C ASP A 227 -14.70 1.77 -5.52
N LEU A 228 -13.65 1.90 -4.68
CA LEU A 228 -13.46 3.10 -3.87
C LEU A 228 -12.01 3.57 -3.93
N ILE A 229 -11.83 4.87 -4.18
CA ILE A 229 -10.52 5.49 -4.17
C ILE A 229 -10.50 6.53 -3.05
N ILE A 230 -9.54 6.41 -2.15
CA ILE A 230 -9.40 7.43 -1.10
C ILE A 230 -8.20 8.24 -1.44
N SER A 231 -8.33 9.57 -1.48
CA SER A 231 -7.13 10.39 -1.68
C SER A 231 -6.86 11.15 -0.38
N ALA A 232 -5.73 10.85 0.26
CA ALA A 232 -5.33 11.41 1.56
C ALA A 232 -4.01 12.20 1.39
N ILE A 233 -3.84 12.87 0.23
CA ILE A 233 -2.59 13.59 -0.04
C ILE A 233 -2.71 14.98 0.57
N GLY A 234 -1.58 15.65 0.79
CA GLY A 234 -1.63 17.02 1.25
C GLY A 234 -0.63 17.46 2.32
N THR A 235 -0.31 16.61 3.30
CA THR A 235 0.59 17.00 4.37
C THR A 235 1.83 17.71 3.79
N ASN A 236 2.46 17.12 2.78
CA ASN A 236 3.75 17.66 2.35
C ASN A 236 3.61 18.95 1.56
N ASP A 237 2.48 19.10 0.84
CA ASP A 237 2.22 20.36 0.15
C ASP A 237 2.16 21.52 1.12
N PHE A 238 1.69 21.25 2.36
CA PHE A 238 1.51 22.30 3.40
C PHE A 238 2.71 22.47 4.33
N SER A 239 3.72 21.61 4.15
CA SER A 239 4.90 21.68 5.03
CA SER A 239 4.91 21.65 5.02
C SER A 239 5.66 22.98 4.91
N PRO A 240 5.89 23.46 3.68
CA PRO A 240 6.57 24.75 3.60
C PRO A 240 5.69 25.93 4.03
N GLY A 241 4.36 25.80 3.93
CA GLY A 241 3.41 26.89 4.18
C GLY A 241 2.13 26.48 3.45
N ILE A 242 1.06 27.23 3.59
CA ILE A 242 -0.15 26.90 2.86
C ILE A 242 0.05 27.26 1.41
N PRO A 243 -0.15 26.29 0.45
CA PRO A 243 0.07 26.65 -0.97
C PRO A 243 -1.01 27.54 -1.56
N ASP A 244 -0.68 28.22 -2.65
CA ASP A 244 -1.65 29.04 -3.35
C ASP A 244 -3.00 28.33 -3.61
N ARG A 245 -4.10 28.96 -3.20
CA ARG A 245 -5.42 28.34 -3.29
C ARG A 245 -5.85 27.98 -4.72
N ALA A 246 -5.83 28.95 -5.63
CA ALA A 246 -6.25 28.62 -7.00
C ALA A 246 -5.38 27.53 -7.62
N THR A 247 -4.09 27.57 -7.40
CA THR A 247 -3.17 26.61 -8.00
C THR A 247 -3.47 25.19 -7.47
N TYR A 248 -3.61 25.10 -6.17
CA TYR A 248 -3.85 23.80 -5.57
C TYR A 248 -5.21 23.23 -5.99
N ILE A 249 -6.25 24.04 -5.93
CA ILE A 249 -7.58 23.55 -6.25
C ILE A 249 -7.64 23.17 -7.73
N ASN A 250 -7.02 23.96 -8.59
CA ASN A 250 -7.05 23.59 -10.00
C ASN A 250 -6.29 22.29 -10.26
N THR A 251 -5.18 22.06 -9.58
CA THR A 251 -4.52 20.80 -9.82
CA THR A 251 -4.44 20.82 -9.73
C THR A 251 -5.21 19.63 -9.15
N TYR A 252 -5.84 19.83 -8.00
CA TYR A 252 -6.55 18.73 -7.38
C TYR A 252 -7.74 18.37 -8.28
N THR A 253 -8.44 19.39 -8.80
CA THR A 253 -9.59 19.15 -9.67
C THR A 253 -9.11 18.38 -10.89
N ARG A 254 -8.00 18.79 -11.49
CA ARG A 254 -7.54 18.10 -12.68
CA ARG A 254 -7.46 18.11 -12.68
C ARG A 254 -7.17 16.65 -12.37
N PHE A 255 -6.52 16.41 -11.24
CA PHE A 255 -6.18 15.02 -10.86
C PHE A 255 -7.42 14.14 -10.63
N VAL A 256 -8.44 14.66 -9.94
CA VAL A 256 -9.59 13.83 -9.62
C VAL A 256 -10.35 13.59 -10.93
N ARG A 257 -10.33 14.56 -11.84
CA ARG A 257 -10.86 14.29 -13.18
C ARG A 257 -10.17 13.11 -13.88
N THR A 258 -8.85 13.01 -13.77
CA THR A 258 -8.13 11.84 -14.26
C THR A 258 -8.61 10.55 -13.60
N LEU A 259 -8.75 10.58 -12.27
CA LEU A 259 -9.21 9.41 -11.57
C LEU A 259 -10.60 8.99 -12.06
N LEU A 260 -11.48 9.97 -12.20
CA LEU A 260 -12.89 9.69 -12.53
C LEU A 260 -12.95 9.02 -13.91
N ASP A 261 -12.12 9.52 -14.81
CA ASP A 261 -12.07 9.04 -16.19
C ASP A 261 -11.40 7.66 -16.26
N ASN A 262 -10.29 7.47 -15.54
CA ASN A 262 -9.62 6.15 -15.53
C ASN A 262 -10.38 5.02 -14.87
N HIS A 263 -11.27 5.35 -13.93
CA HIS A 263 -11.95 4.36 -13.07
C HIS A 263 -13.42 4.72 -13.06
N PRO A 264 -14.11 4.43 -14.18
CA PRO A 264 -15.45 4.99 -14.38
C PRO A 264 -16.44 4.49 -13.37
N GLN A 265 -16.14 3.35 -12.75
CA GLN A 265 -17.00 2.71 -11.75
C GLN A 265 -16.67 3.17 -10.32
N ALA A 266 -15.60 3.92 -10.11
CA ALA A 266 -15.16 4.20 -8.72
C ALA A 266 -15.91 5.37 -8.05
N THR A 267 -16.06 5.28 -6.73
CA THR A 267 -16.43 6.42 -5.88
C THR A 267 -15.13 6.97 -5.31
N ILE A 268 -14.99 8.30 -5.27
CA ILE A 268 -13.74 8.91 -4.78
C ILE A 268 -14.03 9.64 -3.48
N VAL A 269 -13.18 9.43 -2.48
CA VAL A 269 -13.33 10.08 -1.17
C VAL A 269 -12.05 10.88 -0.89
N LEU A 270 -12.19 12.19 -0.65
CA LEU A 270 -11.04 13.03 -0.40
C LEU A 270 -10.95 13.28 1.10
N THR A 271 -9.74 13.31 1.61
CA THR A 271 -9.57 13.59 3.03
C THR A 271 -8.24 14.32 3.25
N GLU A 272 -8.16 15.18 4.26
CA GLU A 272 -6.93 15.95 4.50
C GLU A 272 -5.84 15.16 5.22
N GLY A 273 -6.18 14.02 5.77
CA GLY A 273 -5.19 13.24 6.49
C GLY A 273 -5.03 13.65 7.95
N ALA A 274 -4.17 12.93 8.64
CA ALA A 274 -4.06 13.05 10.09
C ALA A 274 -2.97 13.97 10.62
N ILE A 275 -1.99 14.32 9.80
CA ILE A 275 -0.84 15.09 10.34
C ILE A 275 -1.14 16.59 10.46
N LEU A 276 -1.79 17.17 9.45
CA LEU A 276 -2.03 18.61 9.45
C LEU A 276 -2.96 18.98 10.58
N ASN A 277 -2.72 20.16 11.10
CA ASN A 277 -3.49 20.60 12.25
C ASN A 277 -3.75 22.06 12.07
N GLY A 278 -4.65 22.59 12.90
CA GLY A 278 -4.86 24.05 12.93
C GLY A 278 -5.15 24.71 11.59
N ASP A 279 -4.47 25.81 11.29
CA ASP A 279 -4.78 26.59 10.10
C ASP A 279 -4.49 25.78 8.86
N LYS A 280 -3.42 25.00 8.89
CA LYS A 280 -3.10 24.23 7.68
C LYS A 280 -4.16 23.17 7.38
N LYS A 281 -4.59 22.46 8.42
CA LYS A 281 -5.69 21.52 8.27
C LYS A 281 -6.94 22.23 7.72
N ALA A 282 -7.33 23.34 8.35
CA ALA A 282 -8.57 24.00 7.92
C ALA A 282 -8.46 24.44 6.46
N ALA A 283 -7.27 24.86 6.04
CA ALA A 283 -7.07 25.31 4.67
C ALA A 283 -7.24 24.15 3.72
N LEU A 284 -6.63 23.00 4.04
CA LEU A 284 -6.82 21.84 3.15
C LEU A 284 -8.27 21.36 3.08
N VAL A 285 -8.96 21.38 4.22
CA VAL A 285 -10.37 21.03 4.20
C VAL A 285 -11.13 21.96 3.27
N SER A 286 -10.78 23.25 3.35
CA SER A 286 -11.44 24.25 2.55
C SER A 286 -11.18 23.98 1.07
N TYR A 287 -9.92 23.70 0.74
CA TYR A 287 -9.52 23.47 -0.64
C TYR A 287 -10.24 22.21 -1.20
N ILE A 288 -10.37 21.19 -0.37
CA ILE A 288 -11.10 20.01 -0.77
C ILE A 288 -12.56 20.34 -1.05
N GLY A 289 -13.18 21.15 -0.20
CA GLY A 289 -14.59 21.48 -0.42
C GLY A 289 -14.70 22.22 -1.76
N GLU A 290 -13.78 23.12 -2.05
CA GLU A 290 -13.90 23.88 -3.29
C GLU A 290 -13.56 22.98 -4.49
N THR A 291 -12.62 22.06 -4.32
CA THR A 291 -12.36 21.06 -5.40
C THR A 291 -13.62 20.31 -5.74
N ARG A 292 -14.33 19.84 -4.72
CA ARG A 292 -15.55 19.10 -4.97
CA ARG A 292 -15.56 19.10 -4.98
C ARG A 292 -16.59 20.00 -5.67
N GLN A 293 -16.67 21.26 -5.25
CA GLN A 293 -17.60 22.18 -5.90
C GLN A 293 -17.30 22.31 -7.40
N GLN A 294 -16.03 22.49 -7.74
CA GLN A 294 -15.63 22.58 -9.15
C GLN A 294 -15.84 21.28 -9.93
N LEU A 295 -15.62 20.14 -9.28
CA LEU A 295 -15.82 18.85 -9.94
C LEU A 295 -17.28 18.59 -10.34
N HIS A 296 -18.21 18.97 -9.47
CA HIS A 296 -19.64 18.78 -9.64
C HIS A 296 -19.93 17.33 -9.98
N SER A 297 -19.40 16.43 -9.14
CA SER A 297 -19.49 15.01 -9.44
C SER A 297 -20.29 14.32 -8.36
N ASN A 298 -21.23 13.47 -8.73
CA ASN A 298 -21.94 12.70 -7.75
C ASN A 298 -21.17 11.43 -7.36
N ARG A 299 -19.92 11.34 -7.81
CA ARG A 299 -19.04 10.25 -7.41
C ARG A 299 -17.91 10.69 -6.47
N VAL A 300 -17.89 11.96 -6.07
CA VAL A 300 -16.78 12.44 -5.25
C VAL A 300 -17.25 12.98 -3.91
N PHE A 301 -16.68 12.44 -2.83
CA PHE A 301 -17.17 12.75 -1.48
C PHE A 301 -16.03 13.13 -0.58
N TYR A 302 -16.38 13.51 0.65
CA TYR A 302 -15.43 13.95 1.67
C TYR A 302 -15.59 13.09 2.92
N ALA A 303 -14.49 12.76 3.60
CA ALA A 303 -14.56 12.15 4.93
C ALA A 303 -13.76 13.01 5.90
N SER A 304 -14.30 13.32 7.06
CA SER A 304 -13.56 14.15 8.00
C SER A 304 -12.65 13.28 8.85
N SER A 305 -11.65 13.90 9.45
CA SER A 305 -10.83 13.09 10.34
C SER A 305 -10.21 13.92 11.42
N SER A 306 -9.69 13.22 12.41
CA SER A 306 -9.06 13.86 13.53
C SER A 306 -7.60 14.05 13.19
N HIS A 307 -7.00 15.03 13.82
CA HIS A 307 -5.54 15.09 13.85
C HIS A 307 -4.98 14.08 14.83
N HIS A 308 -3.92 13.36 14.45
CA HIS A 308 -3.18 12.52 15.40
C HIS A 308 -1.77 13.01 15.48
N PRO A 309 -1.27 13.22 16.70
CA PRO A 309 -0.02 13.95 16.83
C PRO A 309 1.24 13.11 16.81
N GLY A 310 1.17 11.80 16.64
CA GLY A 310 2.38 10.99 16.78
C GLY A 310 2.78 10.89 18.25
N ASP A 311 4.07 10.89 18.53
CA ASP A 311 4.53 10.88 19.94
C ASP A 311 5.87 11.60 20.00
N ASN A 312 6.52 11.55 21.16
CA ASN A 312 7.74 12.31 21.32
C ASN A 312 8.80 11.93 20.32
N SER A 313 8.88 10.63 19.98
CA SER A 313 9.94 10.16 19.06
C SER A 313 9.74 10.50 17.58
N ASP A 314 8.49 10.69 17.14
CA ASP A 314 8.23 10.92 15.71
C ASP A 314 6.81 11.48 15.56
N ALA A 315 6.65 12.55 14.79
CA ALA A 315 5.33 13.16 14.58
C ALA A 315 4.40 12.31 13.72
N HIS A 316 4.94 11.29 13.00
CA HIS A 316 4.05 10.44 12.21
C HIS A 316 3.10 9.71 13.15
N PRO A 317 1.84 9.49 12.73
CA PRO A 317 0.90 8.82 13.61
C PRO A 317 1.44 7.46 14.10
N THR A 318 1.19 7.16 15.37
CA THR A 318 1.61 5.90 15.95
C THR A 318 0.71 4.74 15.50
N LYS A 319 1.14 3.51 15.84
CA LYS A 319 0.32 2.33 15.59
C LYS A 319 -1.06 2.49 16.20
N ASP A 320 -1.17 2.93 17.45
CA ASP A 320 -2.55 3.06 17.98
C ASP A 320 -3.36 4.16 17.30
N GLN A 321 -2.68 5.23 16.88
CA GLN A 321 -3.35 6.27 16.12
C GLN A 321 -3.84 5.76 14.75
N HIS A 322 -3.04 4.96 14.06
CA HIS A 322 -3.54 4.34 12.81
C HIS A 322 -4.80 3.51 13.05
N ALA A 323 -4.84 2.77 14.17
CA ALA A 323 -6.05 2.01 14.50
C ALA A 323 -7.22 2.96 14.71
N ALA A 324 -6.97 4.08 15.38
CA ALA A 324 -8.02 5.08 15.60
C ALA A 324 -8.50 5.65 14.26
N MET A 325 -7.54 5.88 13.34
CA MET A 325 -7.86 6.48 12.08
C MET A 325 -8.81 5.54 11.28
N ALA A 326 -8.55 4.24 11.34
CA ALA A 326 -9.39 3.31 10.63
C ALA A 326 -10.77 3.30 11.25
N ARG A 327 -10.85 3.35 12.59
CA ARG A 327 -12.17 3.42 13.27
C ARG A 327 -12.99 4.68 12.94
N GLU A 328 -12.32 5.81 12.65
CA GLU A 328 -13.03 7.03 12.32
CA GLU A 328 -13.02 7.06 12.32
C GLU A 328 -13.47 7.07 10.88
N LEU A 329 -12.63 6.50 10.01
CA LEU A 329 -12.84 6.58 8.58
C LEU A 329 -13.87 5.52 8.15
N THR A 330 -13.74 4.31 8.69
CA THR A 330 -14.50 3.14 8.22
C THR A 330 -16.00 3.41 8.21
N PRO A 331 -16.56 3.94 9.32
CA PRO A 331 -18.02 4.22 9.33
C PRO A 331 -18.51 5.20 8.25
N GLN A 332 -17.68 6.21 7.95
CA GLN A 332 -18.00 7.16 6.93
C GLN A 332 -17.97 6.49 5.56
N LEU A 333 -16.95 5.66 5.30
CA LEU A 333 -16.88 4.89 4.07
C LEU A 333 -18.08 3.94 3.92
N ARG A 334 -18.52 3.34 5.01
CA ARG A 334 -19.73 2.49 4.88
C ARG A 334 -20.92 3.28 4.32
N GLN A 335 -21.10 4.52 4.81
CA GLN A 335 -22.26 5.33 4.40
CA GLN A 335 -22.26 5.32 4.38
C GLN A 335 -22.10 5.75 2.96
N ILE A 336 -20.86 6.12 2.60
CA ILE A 336 -20.60 6.63 1.27
C ILE A 336 -20.77 5.48 0.24
N MET A 337 -20.33 4.28 0.61
CA MET A 337 -20.31 3.14 -0.35
C MET A 337 -21.56 2.27 -0.22
N ASP A 338 -22.37 2.54 0.81
CA ASP A 338 -23.47 1.66 1.12
C ASP A 338 -22.96 0.24 1.35
N TRP A 339 -21.84 0.14 2.07
CA TRP A 339 -21.25 -1.08 2.49
C TRP A 339 -21.55 -1.18 3.97
N LEU A 340 -22.85 -1.24 4.27
CA LEU A 340 -23.30 -1.13 5.69
C LEU A 340 -22.98 -2.41 6.48
N GLU A 341 -22.51 -3.43 5.73
CA GLU A 341 -21.86 -4.64 6.24
CA GLU A 341 -21.96 -4.68 6.29
C GLU A 341 -21.26 -4.53 7.64
#